data_6G65
#
_entry.id   6G65
#
_cell.length_a   65.561
_cell.length_b   96.793
_cell.length_c   56.400
_cell.angle_alpha   90.000
_cell.angle_beta   124.020
_cell.angle_gamma   90.000
#
_symmetry.space_group_name_H-M   'C 1 2 1'
#
loop_
_entity.id
_entity.type
_entity.pdbx_description
1 polymer CC-Type2-VV
2 water water
#
_entity_poly.entity_id   1
_entity_poly.type   'polypeptide(L)'
_entity_poly.pdbx_seq_one_letter_code
;(ACE)GEVAQAVKEVAKAVKEVAWAVKEVAQAVKG(NH2)
;
_entity_poly.pdbx_strand_id   A,B,C,D,E,F,G,H,I,J,K,L
#
loop_
_chem_comp.id
_chem_comp.type
_chem_comp.name
_chem_comp.formula
ACE non-polymer 'ACETYL GROUP' 'C2 H4 O'
NH2 non-polymer 'AMINO GROUP' 'H2 N'
#
# COMPACT_ATOMS: atom_id res chain seq x y z
C ACE A 1 -32.65 -2.98 -8.30
O ACE A 1 -31.53 -3.38 -8.00
CH3 ACE A 1 -33.88 -3.64 -7.75
N GLY A 2 -32.83 -1.93 -9.11
CA GLY A 2 -31.75 -1.17 -9.73
C GLY A 2 -30.65 -0.68 -8.80
N GLU A 3 -31.03 -0.07 -7.67
CA GLU A 3 -30.03 0.45 -6.73
C GLU A 3 -29.18 -0.68 -6.15
N VAL A 4 -29.80 -1.79 -5.75
CA VAL A 4 -29.06 -2.94 -5.24
C VAL A 4 -28.15 -3.54 -6.31
N ALA A 5 -28.69 -3.72 -7.54
CA ALA A 5 -27.87 -4.28 -8.61
C ALA A 5 -26.63 -3.43 -8.89
N GLN A 6 -26.77 -2.09 -8.86
CA GLN A 6 -25.62 -1.21 -9.09
C GLN A 6 -24.56 -1.39 -8.01
N ALA A 7 -24.99 -1.53 -6.74
CA ALA A 7 -24.05 -1.75 -5.65
C ALA A 7 -23.34 -3.10 -5.80
N VAL A 8 -24.05 -4.14 -6.22
CA VAL A 8 -23.44 -5.45 -6.45
C VAL A 8 -22.39 -5.38 -7.56
N LYS A 9 -22.67 -4.62 -8.64
CA LYS A 9 -21.68 -4.40 -9.69
C LYS A 9 -20.42 -3.71 -9.16
N GLU A 10 -20.55 -2.82 -8.16
CA GLU A 10 -19.37 -2.21 -7.53
C GLU A 10 -18.52 -3.25 -6.81
N VAL A 11 -19.16 -4.26 -6.19
CA VAL A 11 -18.41 -5.37 -5.59
C VAL A 11 -17.64 -6.14 -6.66
N ALA A 12 -18.29 -6.44 -7.80
CA ALA A 12 -17.61 -7.17 -8.88
C ALA A 12 -16.35 -6.44 -9.35
N LYS A 13 -16.45 -5.11 -9.50
CA LYS A 13 -15.29 -4.32 -9.90
C LYS A 13 -14.16 -4.38 -8.86
N ALA A 14 -14.50 -4.29 -7.58
CA ALA A 14 -13.49 -4.39 -6.53
C ALA A 14 -12.81 -5.76 -6.53
N VAL A 15 -13.57 -6.83 -6.80
CA VAL A 15 -12.98 -8.18 -6.86
C VAL A 15 -11.98 -8.28 -8.01
N LYS A 16 -12.30 -7.68 -9.16
CA LYS A 16 -11.34 -7.64 -10.28
C LYS A 16 -10.05 -6.91 -9.89
N GLU A 17 -10.16 -5.87 -9.04
CA GLU A 17 -8.95 -5.19 -8.56
C GLU A 17 -8.09 -6.11 -7.70
N VAL A 18 -8.72 -6.96 -6.88
CA VAL A 18 -7.97 -7.99 -6.14
C VAL A 18 -7.25 -8.93 -7.10
N ALA A 19 -7.93 -9.39 -8.16
CA ALA A 19 -7.30 -10.31 -9.11
C ALA A 19 -6.04 -9.69 -9.72
N TRP A 20 -6.09 -8.41 -10.10
CA TRP A 20 -4.91 -7.76 -10.66
C TRP A 20 -3.79 -7.64 -9.64
N ALA A 21 -4.11 -7.29 -8.38
CA ALA A 21 -3.09 -7.23 -7.33
C ALA A 21 -2.40 -8.57 -7.13
N VAL A 22 -3.16 -9.68 -7.19
CA VAL A 22 -2.58 -11.01 -7.07
C VAL A 22 -1.62 -11.30 -8.24
N LYS A 23 -2.00 -10.90 -9.47
CA LYS A 23 -1.09 -11.04 -10.59
CA LYS A 23 -1.10 -11.02 -10.61
C LYS A 23 0.20 -10.26 -10.38
N GLU A 24 0.13 -9.10 -9.70
CA GLU A 24 1.34 -8.36 -9.39
C GLU A 24 2.25 -9.12 -8.43
N VAL A 25 1.68 -9.84 -7.47
CA VAL A 25 2.48 -10.73 -6.61
C VAL A 25 3.18 -11.80 -7.44
N ALA A 26 2.44 -12.43 -8.37
CA ALA A 26 3.05 -13.47 -9.21
C ALA A 26 4.23 -12.91 -10.01
N GLN A 27 4.09 -11.71 -10.57
CA GLN A 27 5.18 -11.09 -11.31
C GLN A 27 6.37 -10.79 -10.42
N ALA A 28 6.13 -10.35 -9.18
CA ALA A 28 7.22 -10.07 -8.25
C ALA A 28 7.98 -11.34 -7.89
N VAL A 29 7.25 -12.46 -7.70
CA VAL A 29 7.91 -13.73 -7.42
C VAL A 29 8.79 -14.16 -8.58
N LYS A 30 8.26 -14.08 -9.80
CA LYS A 30 9.03 -14.47 -10.98
CA LYS A 30 9.04 -14.49 -10.97
C LYS A 30 10.27 -13.60 -11.18
N GLY A 31 10.17 -12.32 -10.85
CA GLY A 31 11.28 -11.40 -11.04
C GLY A 31 12.39 -11.55 -10.01
N NH2 A 32 12.15 -12.23 -8.88
C ACE B 1 -32.39 -0.64 -0.60
O ACE B 1 -31.28 -1.15 -0.60
CH3 ACE B 1 -33.59 -1.40 -1.09
N GLY B 2 -32.59 0.61 -0.18
CA GLY B 2 -31.52 1.48 0.31
C GLY B 2 -30.60 0.89 1.37
N GLU B 3 -31.19 0.28 2.41
CA GLU B 3 -30.40 -0.31 3.49
CA GLU B 3 -30.34 -0.27 3.46
C GLU B 3 -29.53 -1.47 2.99
N VAL B 4 -30.11 -2.32 2.12
CA VAL B 4 -29.33 -3.41 1.53
C VAL B 4 -28.21 -2.87 0.65
N ALA B 5 -28.52 -1.88 -0.21
CA ALA B 5 -27.49 -1.30 -1.09
C ALA B 5 -26.33 -0.71 -0.29
N GLN B 6 -26.62 -0.01 0.83
CA GLN B 6 -25.55 0.55 1.66
C GLN B 6 -24.66 -0.53 2.26
N ALA B 7 -25.26 -1.65 2.71
CA ALA B 7 -24.46 -2.75 3.23
C ALA B 7 -23.57 -3.37 2.14
N VAL B 8 -24.10 -3.51 0.92
CA VAL B 8 -23.31 -4.03 -0.20
C VAL B 8 -22.12 -3.10 -0.50
N LYS B 9 -22.33 -1.77 -0.42
CA LYS B 9 -21.22 -0.83 -0.59
C LYS B 9 -20.14 -0.99 0.49
N GLU B 10 -20.53 -1.35 1.71
CA GLU B 10 -19.53 -1.66 2.74
C GLU B 10 -18.67 -2.86 2.34
N VAL B 11 -19.27 -3.88 1.70
CA VAL B 11 -18.51 -5.03 1.20
C VAL B 11 -17.51 -4.57 0.14
N ALA B 12 -17.96 -3.72 -0.82
CA ALA B 12 -17.05 -3.24 -1.86
C ALA B 12 -15.84 -2.52 -1.26
N LYS B 13 -16.07 -1.68 -0.24
CA LYS B 13 -14.97 -0.97 0.42
C LYS B 13 -13.99 -1.95 1.07
N ALA B 14 -14.50 -2.97 1.76
CA ALA B 14 -13.62 -3.97 2.38
C ALA B 14 -12.81 -4.74 1.34
N VAL B 15 -13.44 -5.09 0.20
CA VAL B 15 -12.70 -5.79 -0.87
C VAL B 15 -11.55 -4.93 -1.40
N LYS B 16 -11.76 -3.62 -1.54
CA LYS B 16 -10.68 -2.73 -1.94
C LYS B 16 -9.54 -2.73 -0.91
N GLU B 17 -9.86 -2.83 0.38
CA GLU B 17 -8.81 -2.95 1.40
C GLU B 17 -7.99 -4.23 1.23
N VAL B 18 -8.65 -5.34 0.82
CA VAL B 18 -7.90 -6.56 0.49
C VAL B 18 -6.93 -6.30 -0.67
N ALA B 19 -7.41 -5.64 -1.73
CA ALA B 19 -6.54 -5.38 -2.88
C ALA B 19 -5.30 -4.60 -2.48
N TRP B 20 -5.47 -3.58 -1.63
CA TRP B 20 -4.32 -2.81 -1.17
CA TRP B 20 -4.32 -2.80 -1.17
C TRP B 20 -3.35 -3.65 -0.34
N ALA B 21 -3.88 -4.52 0.51
CA ALA B 21 -3.00 -5.40 1.30
C ALA B 21 -2.21 -6.36 0.39
N VAL B 22 -2.84 -6.84 -0.69
CA VAL B 22 -2.14 -7.70 -1.65
C VAL B 22 -1.01 -6.93 -2.33
N LYS B 23 -1.26 -5.66 -2.68
CA LYS B 23 -0.18 -4.83 -3.24
C LYS B 23 0.98 -4.68 -2.25
N GLU B 24 0.68 -4.62 -0.94
CA GLU B 24 1.74 -4.59 0.06
C GLU B 24 2.61 -5.84 0.00
N VAL B 25 1.99 -7.01 -0.15
CA VAL B 25 2.74 -8.25 -0.31
C VAL B 25 3.67 -8.17 -1.52
N ALA B 26 3.15 -7.70 -2.66
CA ALA B 26 3.98 -7.59 -3.86
C ALA B 26 5.21 -6.70 -3.62
N GLN B 27 5.01 -5.58 -2.93
CA GLN B 27 6.13 -4.67 -2.63
CA GLN B 27 6.13 -4.68 -2.64
C GLN B 27 7.14 -5.32 -1.70
N ALA B 28 6.67 -6.09 -0.71
CA ALA B 28 7.58 -6.78 0.20
C ALA B 28 8.42 -7.84 -0.54
N VAL B 29 7.79 -8.55 -1.48
CA VAL B 29 8.53 -9.52 -2.31
C VAL B 29 9.60 -8.82 -3.12
N LYS B 30 9.25 -7.72 -3.80
CA LYS B 30 10.21 -6.95 -4.59
C LYS B 30 11.39 -6.49 -3.75
N GLY B 31 11.13 -6.02 -2.54
CA GLY B 31 12.15 -5.46 -1.68
C GLY B 31 13.13 -6.48 -1.13
N NH2 B 32 12.79 -7.78 -1.10
C ACE C 1 -33.55 -5.85 5.30
O ACE C 1 -32.42 -6.20 5.03
CH3 ACE C 1 -34.58 -5.75 4.22
N GLY C 2 -33.94 -5.52 6.54
CA GLY C 2 -33.10 -5.55 7.72
C GLY C 2 -32.28 -6.81 7.87
N GLU C 3 -32.92 -7.98 7.80
CA GLU C 3 -32.18 -9.23 8.03
C GLU C 3 -31.17 -9.50 6.92
N VAL C 4 -31.52 -9.21 5.66
CA VAL C 4 -30.55 -9.36 4.57
C VAL C 4 -29.39 -8.38 4.74
N ALA C 5 -29.68 -7.12 5.07
CA ALA C 5 -28.61 -6.14 5.29
C ALA C 5 -27.66 -6.56 6.40
N GLN C 6 -28.19 -7.12 7.50
CA GLN C 6 -27.32 -7.55 8.59
C GLN C 6 -26.41 -8.71 8.17
N ALA C 7 -26.91 -9.65 7.36
CA ALA C 7 -26.07 -10.73 6.86
C ALA C 7 -24.96 -10.17 5.95
N VAL C 8 -25.28 -9.18 5.12
CA VAL C 8 -24.28 -8.57 4.25
C VAL C 8 -23.18 -7.88 5.08
N LYS C 9 -23.56 -7.24 6.19
CA LYS C 9 -22.55 -6.64 7.08
C LYS C 9 -21.62 -7.69 7.68
N GLU C 10 -22.12 -8.91 7.94
CA GLU C 10 -21.26 -10.01 8.40
C GLU C 10 -20.22 -10.40 7.35
N VAL C 11 -20.61 -10.37 6.07
CA VAL C 11 -19.65 -10.58 4.98
C VAL C 11 -18.56 -9.50 5.01
N ALA C 12 -18.96 -8.22 5.14
CA ALA C 12 -17.98 -7.13 5.18
C ALA C 12 -16.94 -7.34 6.28
N LYS C 13 -17.39 -7.74 7.48
CA LYS C 13 -16.46 -7.97 8.58
C LYS C 13 -15.50 -9.12 8.26
N ALA C 14 -16.00 -10.20 7.66
CA ALA C 14 -15.12 -11.32 7.29
C ALA C 14 -14.08 -10.90 6.24
N VAL C 15 -14.47 -10.04 5.29
CA VAL C 15 -13.51 -9.53 4.30
C VAL C 15 -12.40 -8.71 4.96
N LYS C 16 -12.75 -7.89 5.96
CA LYS C 16 -11.73 -7.16 6.72
C LYS C 16 -10.75 -8.11 7.41
N GLU C 17 -11.23 -9.26 7.89
CA GLU C 17 -10.32 -10.24 8.48
C GLU C 17 -9.36 -10.82 7.45
N VAL C 18 -9.82 -11.01 6.20
CA VAL C 18 -8.90 -11.39 5.11
C VAL C 18 -7.83 -10.32 4.91
N ALA C 19 -8.22 -9.05 4.88
CA ALA C 19 -7.22 -7.99 4.66
C ALA C 19 -6.13 -8.02 5.74
N TRP C 20 -6.52 -8.22 7.01
CA TRP C 20 -5.52 -8.30 8.08
C TRP C 20 -4.60 -9.51 7.91
N ALA C 21 -5.16 -10.66 7.53
CA ALA C 21 -4.34 -11.84 7.29
C ALA C 21 -3.31 -11.60 6.17
N VAL C 22 -3.73 -10.91 5.10
CA VAL C 22 -2.80 -10.58 4.01
C VAL C 22 -1.68 -9.65 4.50
N LYS C 23 -2.02 -8.68 5.36
CA LYS C 23 -1.01 -7.84 5.99
C LYS C 23 0.00 -8.67 6.78
N GLU C 24 -0.45 -9.73 7.45
CA GLU C 24 0.47 -10.61 8.17
C GLU C 24 1.44 -11.30 7.21
N VAL C 25 0.96 -11.73 6.03
CA VAL C 25 1.86 -12.30 5.01
C VAL C 25 2.93 -11.29 4.62
N ALA C 26 2.53 -10.03 4.39
CA ALA C 26 3.50 -9.01 4.01
C ALA C 26 4.57 -8.83 5.08
N GLN C 27 4.16 -8.81 6.36
CA GLN C 27 5.14 -8.69 7.44
C GLN C 27 6.06 -9.90 7.52
N ALA C 28 5.52 -11.11 7.29
CA ALA C 28 6.34 -12.31 7.30
C ALA C 28 7.38 -12.31 6.18
N VAL C 29 6.98 -11.88 4.98
CA VAL C 29 7.92 -11.77 3.86
C VAL C 29 9.02 -10.77 4.18
N LYS C 30 8.64 -9.61 4.71
CA LYS C 30 9.62 -8.58 5.06
CA LYS C 30 9.63 -8.59 5.05
C LYS C 30 10.61 -9.09 6.11
N GLY C 31 10.13 -9.85 7.09
CA GLY C 31 10.98 -10.34 8.16
C GLY C 31 11.93 -11.46 7.78
N NH2 C 32 11.73 -12.17 6.65
C ACE D 1 14.23 -15.20 -8.59
O ACE D 1 15.32 -15.70 -8.36
CH3 ACE D 1 13.09 -15.30 -7.60
N GLY D 2 15.19 -15.07 -12.35
N GLY D 2 13.97 -14.56 -9.73
CA GLY D 2 14.98 -13.99 -11.39
CA GLY D 2 14.93 -14.36 -10.80
C GLY D 2 16.25 -13.44 -10.77
C GLY D 2 16.21 -13.64 -10.43
N GLU D 3 16.09 -12.42 -9.94
CA GLU D 3 17.25 -11.67 -9.45
C GLU D 3 18.09 -12.46 -8.46
N VAL D 4 17.44 -13.18 -7.53
CA VAL D 4 18.18 -13.99 -6.57
C VAL D 4 18.94 -15.12 -7.28
N ALA D 5 18.26 -15.84 -8.19
CA ALA D 5 18.91 -16.93 -8.92
C ALA D 5 20.11 -16.43 -9.72
N GLN D 6 20.00 -15.26 -10.35
CA GLN D 6 21.14 -14.73 -11.12
C GLN D 6 22.32 -14.41 -10.20
N ALA D 7 22.05 -13.85 -9.02
CA ALA D 7 23.13 -13.57 -8.07
C ALA D 7 23.81 -14.86 -7.60
N VAL D 8 23.02 -15.91 -7.34
CA VAL D 8 23.58 -17.19 -6.92
C VAL D 8 24.48 -17.78 -8.03
N LYS D 9 24.08 -17.64 -9.29
CA LYS D 9 24.94 -18.07 -10.41
C LYS D 9 26.27 -17.31 -10.43
N GLU D 10 26.25 -16.02 -10.05
CA GLU D 10 27.51 -15.27 -9.95
C GLU D 10 28.42 -15.84 -8.85
N VAL D 11 27.85 -16.30 -7.74
CA VAL D 11 28.65 -16.98 -6.71
C VAL D 11 29.29 -18.24 -7.29
N ALA D 12 28.50 -19.06 -8.02
CA ALA D 12 29.08 -20.28 -8.61
C ALA D 12 30.26 -19.97 -9.54
N LYS D 13 30.12 -18.93 -10.38
CA LYS D 13 31.21 -18.52 -11.25
C LYS D 13 32.46 -18.13 -10.46
N ALA D 14 32.26 -17.35 -9.38
CA ALA D 14 33.41 -16.93 -8.56
C ALA D 14 34.11 -18.13 -7.89
N VAL D 15 33.32 -19.12 -7.43
CA VAL D 15 33.90 -20.33 -6.85
C VAL D 15 34.76 -21.10 -7.89
N LYS D 16 34.30 -21.15 -9.15
CA LYS D 16 35.12 -21.77 -10.19
CA LYS D 16 35.11 -21.76 -10.20
C LYS D 16 36.43 -21.01 -10.42
N GLU D 17 36.41 -19.68 -10.24
CA GLU D 17 37.66 -18.92 -10.31
CA GLU D 17 37.66 -18.92 -10.31
C GLU D 17 38.62 -19.29 -9.18
N VAL D 18 38.10 -19.53 -7.97
CA VAL D 18 38.93 -20.06 -6.88
C VAL D 18 39.56 -21.40 -7.27
N ALA D 19 38.76 -22.32 -7.86
CA ALA D 19 39.32 -23.62 -8.25
C ALA D 19 40.48 -23.46 -9.24
N TRP D 20 40.33 -22.56 -10.20
CA TRP D 20 41.41 -22.26 -11.16
CA TRP D 20 41.41 -22.28 -11.15
C TRP D 20 42.67 -21.78 -10.44
N ALA D 21 42.49 -20.81 -9.53
CA ALA D 21 43.64 -20.27 -8.80
C ALA D 21 44.36 -21.34 -7.96
N VAL D 22 43.58 -22.24 -7.33
CA VAL D 22 44.18 -23.33 -6.55
C VAL D 22 44.98 -24.27 -7.44
N LYS D 23 44.46 -24.60 -8.64
CA LYS D 23 45.22 -25.40 -9.59
C LYS D 23 46.54 -24.71 -9.96
N GLU D 24 46.54 -23.38 -10.06
CA GLU D 24 47.78 -22.65 -10.33
C GLU D 24 48.80 -22.82 -9.21
N VAL D 25 48.34 -22.79 -7.95
CA VAL D 25 49.23 -23.08 -6.82
C VAL D 25 49.86 -24.47 -6.96
N ALA D 26 49.05 -25.49 -7.29
CA ALA D 26 49.60 -26.84 -7.47
C ALA D 26 50.69 -26.86 -8.55
N GLN D 27 50.44 -26.19 -9.68
CA GLN D 27 51.45 -26.15 -10.75
C GLN D 27 52.73 -25.44 -10.29
N ALA D 28 52.60 -24.37 -9.52
CA ALA D 28 53.76 -23.65 -9.00
C ALA D 28 54.57 -24.52 -8.03
N VAL D 29 53.88 -25.26 -7.15
CA VAL D 29 54.56 -26.15 -6.21
C VAL D 29 55.36 -27.23 -6.95
N LYS D 30 54.74 -27.88 -7.94
CA LYS D 30 55.44 -28.88 -8.74
C LYS D 30 56.67 -28.29 -9.40
N GLY D 31 56.55 -27.06 -9.93
CA GLY D 31 57.61 -26.43 -10.70
C GLY D 31 58.77 -25.95 -9.86
N NH2 D 32 58.64 -25.81 -8.52
C ACE E 1 15.29 -9.31 -3.36
O ACE E 1 16.37 -9.88 -3.32
CH3 ACE E 1 14.02 -10.10 -3.26
N GLY E 2 15.14 -7.98 -3.48
CA GLY E 2 16.23 -7.02 -3.60
C GLY E 2 17.31 -7.12 -2.55
N GLU E 3 16.91 -7.12 -1.26
CA GLU E 3 17.89 -7.19 -0.17
C GLU E 3 18.66 -8.51 -0.18
N VAL E 4 17.96 -9.63 -0.40
CA VAL E 4 18.64 -10.93 -0.47
C VAL E 4 19.59 -10.98 -1.66
N ALA E 5 19.13 -10.55 -2.85
CA ALA E 5 19.99 -10.57 -4.03
C ALA E 5 21.26 -9.74 -3.82
N GLN E 6 21.13 -8.57 -3.18
CA GLN E 6 22.30 -7.73 -2.92
C GLN E 6 23.27 -8.41 -1.97
N ALA E 7 22.76 -9.07 -0.93
CA ALA E 7 23.62 -9.82 0.00
C ALA E 7 24.36 -10.95 -0.72
N VAL E 8 23.68 -11.65 -1.64
CA VAL E 8 24.33 -12.72 -2.41
C VAL E 8 25.43 -12.16 -3.31
N LYS E 9 25.21 -10.98 -3.90
CA LYS E 9 26.26 -10.31 -4.67
C LYS E 9 27.47 -9.97 -3.81
N GLU E 10 27.25 -9.60 -2.54
CA GLU E 10 28.37 -9.36 -1.63
C GLU E 10 29.17 -10.64 -1.38
N VAL E 11 28.50 -11.80 -1.30
CA VAL E 11 29.21 -13.08 -1.21
C VAL E 11 30.08 -13.29 -2.46
N ALA E 12 29.51 -13.10 -3.64
CA ALA E 12 30.27 -13.31 -4.89
C ALA E 12 31.54 -12.46 -4.94
N LYS E 13 31.43 -11.18 -4.56
CA LYS E 13 32.58 -10.28 -4.53
C LYS E 13 33.65 -10.78 -3.57
N ALA E 14 33.24 -11.24 -2.38
CA ALA E 14 34.19 -11.76 -1.40
C ALA E 14 34.89 -13.03 -1.91
N VAL E 15 34.16 -13.91 -2.61
CA VAL E 15 34.77 -15.11 -3.18
C VAL E 15 35.84 -14.75 -4.22
N LYS E 16 35.58 -13.71 -5.04
CA LYS E 16 36.59 -13.24 -5.99
C LYS E 16 37.85 -12.76 -5.25
N GLU E 17 37.68 -12.10 -4.10
CA GLU E 17 38.85 -11.69 -3.30
C GLU E 17 39.65 -12.89 -2.81
N VAL E 18 38.98 -14.00 -2.48
CA VAL E 18 39.70 -15.22 -2.14
C VAL E 18 40.54 -15.70 -3.33
N ALA E 19 39.93 -15.72 -4.54
CA ALA E 19 40.68 -16.16 -5.72
C ALA E 19 41.94 -15.32 -5.94
N TRP E 20 41.83 -14.00 -5.77
CA TRP E 20 43.00 -13.12 -5.92
C TRP E 20 44.07 -13.41 -4.86
N ALA E 21 43.66 -13.67 -3.62
CA ALA E 21 44.62 -14.03 -2.57
C ALA E 21 45.33 -15.36 -2.89
N VAL E 22 44.58 -16.33 -3.43
CA VAL E 22 45.20 -17.60 -3.83
C VAL E 22 46.25 -17.37 -4.93
N LYS E 23 45.98 -16.46 -5.88
CA LYS E 23 46.98 -16.12 -6.89
CA LYS E 23 47.00 -16.18 -6.88
C LYS E 23 48.23 -15.51 -6.26
N GLU E 24 48.08 -14.73 -5.18
CA GLU E 24 49.25 -14.23 -4.44
CA GLU E 24 49.25 -14.23 -4.47
C GLU E 24 50.09 -15.37 -3.90
N VAL E 25 49.44 -16.43 -3.39
CA VAL E 25 50.18 -17.62 -2.93
C VAL E 25 50.97 -18.24 -4.08
N ALA E 26 50.33 -18.41 -5.25
CA ALA E 26 51.03 -19.01 -6.39
C ALA E 26 52.27 -18.20 -6.77
N GLN E 27 52.15 -16.86 -6.77
CA GLN E 27 53.29 -16.01 -7.11
C GLN E 27 54.40 -16.11 -6.07
N ALA E 28 54.04 -16.21 -4.79
CA ALA E 28 55.03 -16.36 -3.72
C ALA E 28 55.79 -17.69 -3.84
N VAL E 29 55.08 -18.76 -4.19
CA VAL E 29 55.73 -20.06 -4.39
C VAL E 29 56.74 -19.98 -5.53
N LYS E 30 56.34 -19.39 -6.65
CA LYS E 30 57.25 -19.25 -7.79
C LYS E 30 58.48 -18.41 -7.43
N GLY E 31 58.28 -17.34 -6.67
CA GLY E 31 59.35 -16.43 -6.31
C GLY E 31 60.35 -16.98 -5.31
N NH2 E 32 60.03 -18.05 -4.55
C ACE F 1 14.70 -11.17 4.60
O ACE F 1 15.83 -11.56 4.32
CH3 ACE F 1 13.53 -11.57 3.75
N GLY F 2 14.43 -10.38 5.64
CA GLY F 2 15.43 -9.88 6.58
C GLY F 2 16.33 -10.92 7.21
N GLU F 3 15.72 -11.97 7.77
CA GLU F 3 16.51 -13.02 8.41
C GLU F 3 17.43 -13.73 7.41
N VAL F 4 16.93 -14.03 6.20
CA VAL F 4 17.76 -14.66 5.19
C VAL F 4 18.89 -13.73 4.75
N ALA F 5 18.59 -12.45 4.50
CA ALA F 5 19.61 -11.50 4.09
C ALA F 5 20.71 -11.36 5.15
N GLN F 6 20.32 -11.31 6.44
CA GLN F 6 21.32 -11.22 7.51
C GLN F 6 22.22 -12.45 7.54
N ALA F 7 21.64 -13.64 7.34
CA ALA F 7 22.45 -14.85 7.33
C ALA F 7 23.43 -14.87 6.14
N VAL F 8 22.97 -14.43 4.96
CA VAL F 8 23.86 -14.34 3.80
C VAL F 8 25.00 -13.36 4.07
N LYS F 9 24.71 -12.24 4.76
CA LYS F 9 25.78 -11.30 5.11
C LYS F 9 26.81 -11.94 6.05
N GLU F 10 26.38 -12.85 6.94
CA GLU F 10 27.35 -13.59 7.76
C GLU F 10 28.26 -14.49 6.92
N VAL F 11 27.71 -15.10 5.85
CA VAL F 11 28.55 -15.85 4.92
C VAL F 11 29.60 -14.94 4.29
N ALA F 12 29.18 -13.75 3.82
CA ALA F 12 30.14 -12.83 3.18
C ALA F 12 31.27 -12.46 4.14
N LYS F 13 30.94 -12.17 5.40
CA LYS F 13 31.96 -11.84 6.41
CA LYS F 13 31.97 -11.85 6.39
C LYS F 13 32.95 -13.00 6.58
N ALA F 14 32.43 -14.23 6.68
CA ALA F 14 33.29 -15.40 6.83
C ALA F 14 34.21 -15.61 5.63
N VAL F 15 33.69 -15.38 4.41
CA VAL F 15 34.54 -15.50 3.21
C VAL F 15 35.68 -14.47 3.24
N LYS F 16 35.41 -13.25 3.72
CA LYS F 16 36.46 -12.25 3.88
C LYS F 16 37.53 -12.73 4.87
N GLU F 17 37.13 -13.44 5.94
CA GLU F 17 38.10 -14.01 6.86
C GLU F 17 38.99 -15.04 6.16
N VAL F 18 38.42 -15.85 5.25
CA VAL F 18 39.23 -16.79 4.47
C VAL F 18 40.26 -16.06 3.61
N ALA F 19 39.85 -14.97 2.95
CA ALA F 19 40.80 -14.21 2.11
C ALA F 19 41.99 -13.71 2.91
N TRP F 20 41.74 -13.17 4.11
CA TRP F 20 42.84 -12.69 4.94
CA TRP F 20 42.83 -12.70 4.96
C TRP F 20 43.75 -13.84 5.40
N ALA F 21 43.17 -15.00 5.72
CA ALA F 21 43.97 -16.17 6.09
C ALA F 21 44.85 -16.64 4.92
N VAL F 22 44.32 -16.62 3.70
CA VAL F 22 45.11 -16.97 2.52
C VAL F 22 46.29 -16.00 2.33
N LYS F 23 46.06 -14.70 2.57
CA LYS F 23 47.17 -13.73 2.56
C LYS F 23 48.23 -14.07 3.61
N GLU F 24 47.82 -14.57 4.79
CA GLU F 24 48.80 -15.04 5.78
C GLU F 24 49.67 -16.18 5.23
N VAL F 25 49.07 -17.10 4.45
CA VAL F 25 49.86 -18.17 3.82
C VAL F 25 50.88 -17.57 2.85
N ALA F 26 50.45 -16.63 2.00
CA ALA F 26 51.37 -16.01 1.04
C ALA F 26 52.56 -15.37 1.76
N GLN F 27 52.29 -14.64 2.86
CA GLN F 27 53.36 -14.00 3.60
C GLN F 27 54.31 -15.02 4.23
N ALA F 28 53.77 -16.14 4.74
CA ALA F 28 54.62 -17.20 5.29
C ALA F 28 55.52 -17.83 4.22
N VAL F 29 54.98 -18.05 3.02
CA VAL F 29 55.78 -18.59 1.92
C VAL F 29 56.94 -17.64 1.58
N LYS F 30 56.66 -16.34 1.48
CA LYS F 30 57.71 -15.36 1.19
C LYS F 30 58.80 -15.38 2.25
N GLY F 31 58.38 -15.46 3.52
CA GLY F 31 59.30 -15.39 4.64
C GLY F 31 60.17 -16.62 4.83
N NH2 F 32 59.83 -17.77 4.21
C ACE G 1 32.25 1.73 -6.11
O ACE G 1 32.00 0.54 -5.90
CH3 ACE G 1 32.05 2.36 -7.46
N GLY G 2 32.69 2.54 -5.14
CA GLY G 2 32.92 2.08 -3.78
C GLY G 2 31.66 1.67 -3.05
N GLU G 3 31.80 0.82 -2.03
CA GLU G 3 30.64 0.26 -1.35
C GLU G 3 29.81 1.33 -0.64
N VAL G 4 30.47 2.31 0.01
CA VAL G 4 29.73 3.36 0.69
C VAL G 4 28.99 4.25 -0.31
N ALA G 5 29.68 4.68 -1.37
CA ALA G 5 29.02 5.50 -2.39
C ALA G 5 27.83 4.78 -3.01
N GLN G 6 27.95 3.47 -3.28
CA GLN G 6 26.81 2.74 -3.87
C GLN G 6 25.62 2.69 -2.90
N ALA G 7 25.88 2.50 -1.60
CA ALA G 7 24.80 2.49 -0.63
C ALA G 7 24.12 3.85 -0.53
N VAL G 8 24.90 4.94 -0.59
CA VAL G 8 24.33 6.29 -0.55
C VAL G 8 23.43 6.54 -1.77
N LYS G 9 23.85 6.04 -2.96
CA LYS G 9 22.99 6.14 -4.15
C LYS G 9 21.66 5.41 -3.96
N GLU G 10 21.67 4.27 -3.25
CA GLU G 10 20.43 3.58 -2.90
C GLU G 10 19.51 4.44 -2.05
N VAL G 11 20.08 5.21 -1.11
CA VAL G 11 19.28 6.15 -0.32
C VAL G 11 18.63 7.18 -1.23
N ALA G 12 19.39 7.77 -2.17
CA ALA G 12 18.83 8.76 -3.08
C ALA G 12 17.65 8.20 -3.88
N LYS G 13 17.80 6.96 -4.39
CA LYS G 13 16.70 6.32 -5.12
C LYS G 13 15.46 6.16 -4.24
N ALA G 14 15.64 5.73 -2.99
CA ALA G 14 14.51 5.57 -2.07
C ALA G 14 13.82 6.92 -1.77
N VAL G 15 14.60 7.99 -1.61
CA VAL G 15 14.01 9.31 -1.39
C VAL G 15 13.17 9.76 -2.59
N LYS G 16 13.64 9.45 -3.81
CA LYS G 16 12.80 9.73 -5.00
C LYS G 16 11.49 8.96 -4.99
N GLU G 17 11.49 7.73 -4.47
CA GLU G 17 10.24 6.98 -4.30
C GLU G 17 9.30 7.68 -3.32
N VAL G 18 9.85 8.29 -2.25
CA VAL G 18 9.02 9.09 -1.35
C VAL G 18 8.39 10.27 -2.09
N ALA G 19 9.19 10.98 -2.90
CA ALA G 19 8.65 12.13 -3.65
C ALA G 19 7.48 11.72 -4.54
N TRP G 20 7.60 10.56 -5.22
CA TRP G 20 6.50 10.07 -6.05
C TRP G 20 5.25 9.77 -5.21
N ALA G 21 5.44 9.09 -4.06
CA ALA G 21 4.30 8.80 -3.18
C ALA G 21 3.60 10.08 -2.70
N VAL G 22 4.36 11.12 -2.37
CA VAL G 22 3.78 12.41 -1.96
C VAL G 22 2.95 13.01 -3.11
N LYS G 23 3.47 12.96 -4.34
CA LYS G 23 2.69 13.39 -5.50
C LYS G 23 1.37 12.62 -5.63
N GLU G 24 1.39 11.31 -5.30
CA GLU G 24 0.15 10.54 -5.33
CA GLU G 24 0.16 10.50 -5.28
C GLU G 24 -0.85 11.05 -4.29
N VAL G 25 -0.38 11.45 -3.11
CA VAL G 25 -1.28 12.07 -2.12
C VAL G 25 -1.92 13.33 -2.69
N ALA G 26 -1.14 14.19 -3.35
CA ALA G 26 -1.70 15.41 -3.93
C ALA G 26 -2.77 15.09 -4.97
N GLN G 27 -2.52 14.09 -5.83
CA GLN G 27 -3.52 13.71 -6.83
C GLN G 27 -4.80 13.21 -6.16
N ALA G 28 -4.67 12.42 -5.09
CA ALA G 28 -5.84 11.91 -4.37
C ALA G 28 -6.64 13.05 -3.71
N VAL G 29 -5.95 14.03 -3.12
CA VAL G 29 -6.63 15.17 -2.50
C VAL G 29 -7.43 15.95 -3.55
N LYS G 30 -6.80 16.25 -4.70
CA LYS G 30 -7.51 16.95 -5.76
C LYS G 30 -8.74 16.19 -6.23
N GLY G 31 -8.61 14.87 -6.36
CA GLY G 31 -9.69 14.04 -6.86
C GLY G 31 -10.85 13.85 -5.90
N NH2 G 32 -10.68 14.09 -4.59
C ACE H 1 30.52 -4.04 4.42
O ACE H 1 30.06 -4.72 5.33
CH3 ACE H 1 30.18 -4.29 2.98
N GLY H 2 31.37 -3.03 4.63
CA GLY H 2 31.79 -2.65 5.97
C GLY H 2 30.68 -2.01 6.79
N GLU H 3 31.03 -1.58 8.00
CA GLU H 3 30.02 -1.15 8.96
C GLU H 3 29.27 0.09 8.49
N VAL H 4 29.97 1.06 7.88
CA VAL H 4 29.28 2.25 7.38
C VAL H 4 28.33 1.90 6.24
N ALA H 5 28.79 1.10 5.27
CA ALA H 5 27.93 0.73 4.15
C ALA H 5 26.67 0.00 4.61
N GLN H 6 26.80 -0.91 5.58
CA GLN H 6 25.61 -1.63 6.06
C GLN H 6 24.65 -0.69 6.79
N ALA H 7 25.18 0.29 7.55
CA ALA H 7 24.30 1.25 8.22
C ALA H 7 23.54 2.12 7.21
N VAL H 8 24.22 2.54 6.13
CA VAL H 8 23.56 3.32 5.08
C VAL H 8 22.45 2.50 4.41
N LYS H 9 22.69 1.19 4.20
CA LYS H 9 21.64 0.32 3.66
C LYS H 9 20.42 0.27 4.59
N GLU H 10 20.63 0.33 5.91
CA GLU H 10 19.49 0.39 6.83
C GLU H 10 18.68 1.68 6.66
N VAL H 11 19.36 2.80 6.40
CA VAL H 11 18.66 4.04 6.08
C VAL H 11 17.79 3.86 4.83
N ALA H 12 18.36 3.26 3.77
CA ALA H 12 17.60 3.08 2.54
C ALA H 12 16.32 2.26 2.77
N LYS H 13 16.43 1.17 3.54
CA LYS H 13 15.26 0.33 3.84
C LYS H 13 14.19 1.12 4.59
N ALA H 14 14.61 1.92 5.58
CA ALA H 14 13.66 2.72 6.35
C ALA H 14 12.96 3.75 5.46
N VAL H 15 13.69 4.36 4.53
CA VAL H 15 13.08 5.33 3.60
C VAL H 15 12.02 4.66 2.72
N LYS H 16 12.29 3.42 2.26
CA LYS H 16 11.28 2.69 1.49
C LYS H 16 10.02 2.43 2.31
N GLU H 17 10.16 2.20 3.62
CA GLU H 17 9.00 2.05 4.49
C GLU H 17 8.20 3.36 4.60
N VAL H 18 8.89 4.51 4.65
CA VAL H 18 8.20 5.80 4.58
C VAL H 18 7.39 5.92 3.29
N ALA H 19 8.00 5.56 2.16
CA ALA H 19 7.30 5.68 0.87
C ALA H 19 6.00 4.86 0.86
N TRP H 20 6.05 3.63 1.36
CA TRP H 20 4.84 2.80 1.42
C TRP H 20 3.78 3.43 2.33
N ALA H 21 4.20 3.93 3.50
CA ALA H 21 3.25 4.57 4.43
C ALA H 21 2.57 5.77 3.78
N VAL H 22 3.32 6.57 3.00
CA VAL H 22 2.72 7.70 2.28
C VAL H 22 1.70 7.22 1.25
N LYS H 23 2.02 6.13 0.53
CA LYS H 23 1.03 5.55 -0.38
C LYS H 23 -0.25 5.15 0.35
N GLU H 24 -0.13 4.64 1.58
CA GLU H 24 -1.32 4.32 2.38
C GLU H 24 -2.14 5.57 2.70
N VAL H 25 -1.49 6.70 2.95
CA VAL H 25 -2.23 7.95 3.11
C VAL H 25 -3.04 8.26 1.85
N ALA H 26 -2.42 8.10 0.68
CA ALA H 26 -3.13 8.38 -0.57
C ALA H 26 -4.38 7.50 -0.72
N GLN H 27 -4.29 6.22 -0.38
CA GLN H 27 -5.48 5.38 -0.49
C GLN H 27 -6.54 5.77 0.53
N ALA H 28 -6.13 6.13 1.75
CA ALA H 28 -7.10 6.57 2.75
C ALA H 28 -7.85 7.82 2.27
N VAL H 29 -7.13 8.76 1.67
CA VAL H 29 -7.76 9.97 1.11
C VAL H 29 -8.77 9.59 0.03
N LYS H 30 -8.38 8.73 -0.90
CA LYS H 30 -9.28 8.33 -1.98
CA LYS H 30 -9.29 8.33 -1.98
C LYS H 30 -10.52 7.64 -1.42
N GLY H 31 -10.34 6.77 -0.43
CA GLY H 31 -11.44 5.99 0.14
C GLY H 31 -12.39 6.76 1.03
N NH2 H 32 -12.04 7.97 1.50
C ACE I 1 31.69 1.95 16.25
O ACE I 1 31.78 2.78 17.15
CH3 ACE I 1 31.10 0.60 16.46
N GLY I 2 32.11 2.19 15.00
CA GLY I 2 32.71 3.46 14.62
C GLY I 2 31.75 4.62 14.76
N GLU I 3 32.31 5.82 14.94
CA GLU I 3 31.46 6.99 15.21
CA GLU I 3 31.47 6.99 15.21
C GLU I 3 30.57 7.33 14.03
N VAL I 4 31.07 7.20 12.80
CA VAL I 4 30.22 7.52 11.64
C VAL I 4 29.09 6.48 11.51
N ALA I 5 29.42 5.19 11.62
CA ALA I 5 28.40 4.15 11.51
C ALA I 5 27.32 4.33 12.57
N GLN I 6 27.70 4.67 13.80
CA GLN I 6 26.70 4.89 14.85
C GLN I 6 25.80 6.08 14.55
N ALA I 7 26.37 7.16 14.01
CA ALA I 7 25.55 8.31 13.65
C ALA I 7 24.57 7.98 12.51
N VAL I 8 25.02 7.18 11.53
CA VAL I 8 24.14 6.75 10.44
C VAL I 8 22.97 5.91 10.99
N LYS I 9 23.25 5.03 11.97
CA LYS I 9 22.18 4.28 12.62
C LYS I 9 21.17 5.20 13.31
N GLU I 10 21.63 6.32 13.88
CA GLU I 10 20.69 7.29 14.45
C GLU I 10 19.77 7.88 13.38
N VAL I 11 20.30 8.13 12.18
CA VAL I 11 19.44 8.56 11.06
C VAL I 11 18.39 7.50 10.75
N ALA I 12 18.80 6.23 10.65
CA ALA I 12 17.83 5.17 10.34
C ALA I 12 16.71 5.10 11.38
N LYS I 13 17.05 5.22 12.67
CA LYS I 13 16.03 5.25 13.72
C LYS I 13 15.06 6.41 13.55
N ALA I 14 15.57 7.60 13.23
CA ALA I 14 14.72 8.77 13.03
C ALA I 14 13.79 8.58 11.82
N VAL I 15 14.29 7.95 10.75
CA VAL I 15 13.44 7.69 9.58
C VAL I 15 12.29 6.75 9.92
N LYS I 16 12.56 5.73 10.75
CA LYS I 16 11.50 4.86 11.24
C LYS I 16 10.45 5.62 12.04
N GLU I 17 10.86 6.62 12.84
CA GLU I 17 9.90 7.47 13.53
C GLU I 17 9.00 8.21 12.55
N VAL I 18 9.57 8.69 11.44
CA VAL I 18 8.74 9.31 10.40
C VAL I 18 7.70 8.33 9.85
N ALA I 19 8.12 7.09 9.55
CA ALA I 19 7.18 6.10 9.00
C ALA I 19 5.99 5.87 9.94
N TRP I 20 6.26 5.74 11.24
CA TRP I 20 5.18 5.55 12.21
C TRP I 20 4.25 6.77 12.28
N ALA I 21 4.83 7.98 12.22
CA ALA I 21 4.00 9.19 12.23
C ALA I 21 3.11 9.25 10.98
N VAL I 22 3.63 8.83 9.82
CA VAL I 22 2.81 8.79 8.60
C VAL I 22 1.63 7.83 8.76
N LYS I 23 1.86 6.68 9.39
CA LYS I 23 0.77 5.76 9.68
CA LYS I 23 0.74 5.78 9.64
C LYS I 23 -0.30 6.41 10.56
N GLU I 24 0.11 7.27 11.51
CA GLU I 24 -0.86 8.01 12.31
C GLU I 24 -1.74 8.92 11.43
N VAL I 25 -1.14 9.56 10.42
CA VAL I 25 -1.92 10.37 9.48
C VAL I 25 -2.95 9.50 8.73
N ALA I 26 -2.51 8.34 8.22
CA ALA I 26 -3.44 7.46 7.49
C ALA I 26 -4.62 7.06 8.38
N GLN I 27 -4.36 6.70 9.64
CA GLN I 27 -5.44 6.32 10.55
CA GLN I 27 -5.44 6.32 10.55
C GLN I 27 -6.38 7.49 10.80
N ALA I 28 -5.83 8.70 10.97
CA ALA I 28 -6.67 9.89 11.19
C ALA I 28 -7.57 10.18 9.98
N VAL I 29 -7.03 10.04 8.76
CA VAL I 29 -7.83 10.24 7.55
C VAL I 29 -8.99 9.25 7.49
N LYS I 30 -8.70 7.96 7.72
CA LYS I 30 -9.75 6.95 7.71
C LYS I 30 -10.84 7.26 8.74
N GLY I 31 -10.44 7.67 9.93
CA GLY I 31 -11.35 7.91 11.03
C GLY I 31 -12.24 9.14 10.87
N NH2 I 32 -11.88 10.09 10.00
C ACE J 1 -13.14 16.92 -4.16
O ACE J 1 -14.32 17.10 -3.85
CH3 ACE J 1 -12.07 16.96 -3.10
N GLY J 2 -12.75 16.69 -5.41
CA GLY J 2 -13.64 16.63 -6.55
C GLY J 2 -14.85 15.73 -6.39
N GLU J 3 -14.64 14.48 -5.97
CA GLU J 3 -15.74 13.53 -5.80
C GLU J 3 -16.76 14.02 -4.77
N VAL J 4 -16.26 14.54 -3.63
CA VAL J 4 -17.17 15.08 -2.61
C VAL J 4 -17.93 16.29 -3.14
N ALA J 5 -17.22 17.22 -3.80
CA ALA J 5 -17.88 18.41 -4.34
C ALA J 5 -18.98 18.04 -5.33
N GLN J 6 -18.75 17.02 -6.18
CA GLN J 6 -19.77 16.60 -7.15
C GLN J 6 -21.02 16.05 -6.45
N ALA J 7 -20.84 15.25 -5.38
CA ALA J 7 -21.99 14.76 -4.64
C ALA J 7 -22.78 15.91 -3.99
N VAL J 8 -22.06 16.92 -3.47
CA VAL J 8 -22.73 18.07 -2.87
C VAL J 8 -23.57 18.83 -3.90
N LYS J 9 -23.06 18.94 -5.13
CA LYS J 9 -23.85 19.55 -6.21
C LYS J 9 -25.12 18.77 -6.53
N GLU J 10 -25.09 17.44 -6.39
CA GLU J 10 -26.31 16.64 -6.55
CA GLU J 10 -26.32 16.65 -6.54
C GLU J 10 -27.36 17.00 -5.48
N VAL J 11 -26.91 17.27 -4.24
CA VAL J 11 -27.83 17.74 -3.20
C VAL J 11 -28.46 19.07 -3.60
N ALA J 12 -27.64 20.01 -4.10
CA ALA J 12 -28.18 21.32 -4.50
C ALA J 12 -29.28 21.19 -5.55
N LYS J 13 -29.07 20.32 -6.55
CA LYS J 13 -30.09 20.11 -7.57
C LYS J 13 -31.39 19.53 -6.98
N ALA J 14 -31.26 18.56 -6.06
CA ALA J 14 -32.44 17.99 -5.43
C ALA J 14 -33.22 19.04 -4.62
N VAL J 15 -32.49 19.95 -3.93
CA VAL J 15 -33.14 21.02 -3.18
C VAL J 15 -33.92 21.95 -4.12
N LYS J 16 -33.38 22.26 -5.30
CA LYS J 16 -34.12 23.04 -6.29
C LYS J 16 -35.40 22.34 -6.74
N GLU J 17 -35.38 20.99 -6.82
CA GLU J 17 -36.60 20.26 -7.14
C GLU J 17 -37.65 20.40 -6.04
N VAL J 18 -37.23 20.44 -4.77
CA VAL J 18 -38.17 20.75 -3.68
C VAL J 18 -38.78 22.14 -3.87
N ALA J 19 -37.95 23.14 -4.21
CA ALA J 19 -38.48 24.49 -4.41
C ALA J 19 -39.57 24.52 -5.49
N TRP J 20 -39.35 23.80 -6.60
CA TRP J 20 -40.38 23.75 -7.66
C TRP J 20 -41.67 23.10 -7.16
N ALA J 21 -41.55 21.99 -6.41
CA ALA J 21 -42.73 21.33 -5.86
C ALA J 21 -43.51 22.25 -4.91
N VAL J 22 -42.80 23.07 -4.12
CA VAL J 22 -43.48 24.02 -3.24
C VAL J 22 -44.23 25.08 -4.05
N LYS J 23 -43.62 25.56 -5.14
CA LYS J 23 -44.32 26.48 -6.05
C LYS J 23 -45.60 25.84 -6.61
N GLU J 24 -45.57 24.54 -6.88
CA GLU J 24 -46.77 23.87 -7.36
CA GLU J 24 -46.76 23.84 -7.36
C GLU J 24 -47.87 23.89 -6.30
N VAL J 25 -47.51 23.70 -5.03
CA VAL J 25 -48.50 23.84 -3.95
C VAL J 25 -49.12 25.23 -3.95
N ALA J 26 -48.29 26.27 -4.06
CA ALA J 26 -48.80 27.64 -4.08
C ALA J 26 -49.78 27.86 -5.23
N GLN J 27 -49.46 27.34 -6.42
CA GLN J 27 -50.36 27.46 -7.56
C GLN J 27 -51.68 26.70 -7.31
N ALA J 28 -51.60 25.52 -6.70
CA ALA J 28 -52.81 24.76 -6.38
C ALA J 28 -53.71 25.51 -5.41
N VAL J 29 -53.11 26.13 -4.37
CA VAL J 29 -53.90 26.91 -3.42
C VAL J 29 -54.59 28.08 -4.11
N LYS J 30 -53.85 28.81 -4.96
CA LYS J 30 -54.43 29.93 -5.69
CA LYS J 30 -54.43 29.94 -5.69
C LYS J 30 -55.59 29.50 -6.58
N GLY J 31 -55.47 28.33 -7.21
CA GLY J 31 -56.50 27.84 -8.10
C GLY J 31 -57.75 27.34 -7.42
N NH2 J 32 -57.77 27.16 -6.09
C ACE K 1 -14.56 10.08 -0.31
O ACE K 1 -15.69 10.54 -0.16
CH3 ACE K 1 -13.35 10.88 0.07
N GLY K 2 -14.36 8.85 -0.82
CA GLY K 2 -15.44 7.98 -1.24
C GLY K 2 -16.54 7.75 -0.23
N GLU K 3 -16.17 7.47 1.02
CA GLU K 3 -17.17 7.21 2.06
C GLU K 3 -18.03 8.45 2.34
N VAL K 4 -17.41 9.62 2.41
CA VAL K 4 -18.16 10.88 2.58
C VAL K 4 -19.06 11.14 1.39
N ALA K 5 -18.55 10.95 0.17
CA ALA K 5 -19.37 11.18 -1.03
C ALA K 5 -20.60 10.27 -1.05
N GLN K 6 -20.45 9.00 -0.63
CA GLN K 6 -21.61 8.09 -0.60
C GLN K 6 -22.65 8.54 0.41
N ALA K 7 -22.22 9.05 1.58
CA ALA K 7 -23.17 9.58 2.56
C ALA K 7 -23.90 10.81 2.01
N VAL K 8 -23.19 11.70 1.30
CA VAL K 8 -23.82 12.87 0.69
C VAL K 8 -24.87 12.45 -0.35
N LYS K 9 -24.57 11.40 -1.12
CA LYS K 9 -25.56 10.86 -2.07
C LYS K 9 -26.83 10.36 -1.35
N GLU K 10 -26.71 9.81 -0.14
CA GLU K 10 -27.91 9.45 0.64
C GLU K 10 -28.74 10.68 0.99
N VAL K 11 -28.09 11.81 1.31
CA VAL K 11 -28.84 13.05 1.55
C VAL K 11 -29.62 13.45 0.29
N ALA K 12 -28.97 13.38 -0.89
CA ALA K 12 -29.67 13.76 -2.12
C ALA K 12 -30.92 12.89 -2.36
N LYS K 13 -30.81 11.59 -2.12
CA LYS K 13 -31.96 10.69 -2.29
C LYS K 13 -33.08 11.06 -1.33
N ALA K 14 -32.74 11.39 -0.09
CA ALA K 14 -33.77 11.77 0.90
C ALA K 14 -34.45 13.08 0.52
N VAL K 15 -33.69 14.04 -0.02
CA VAL K 15 -34.28 15.31 -0.49
C VAL K 15 -35.27 15.06 -1.63
N LYS K 16 -34.94 14.14 -2.55
CA LYS K 16 -35.91 13.78 -3.60
C LYS K 16 -37.21 13.20 -3.02
N GLU K 17 -37.12 12.45 -1.91
CA GLU K 17 -38.34 11.98 -1.24
C GLU K 17 -39.17 13.12 -0.67
N VAL K 18 -38.52 14.17 -0.15
CA VAL K 18 -39.26 15.37 0.27
C VAL K 18 -40.01 15.99 -0.91
N ALA K 19 -39.34 16.09 -2.07
CA ALA K 19 -39.98 16.68 -3.24
C ALA K 19 -41.25 15.90 -3.63
N TRP K 20 -41.19 14.55 -3.63
CA TRP K 20 -42.37 13.76 -3.94
C TRP K 20 -43.49 13.96 -2.92
N ALA K 21 -43.15 14.03 -1.63
CA ALA K 21 -44.16 14.28 -0.60
C ALA K 21 -44.85 15.64 -0.80
N VAL K 22 -44.07 16.68 -1.18
CA VAL K 22 -44.67 17.98 -1.45
C VAL K 22 -45.63 17.89 -2.65
N LYS K 23 -45.27 17.11 -3.68
CA LYS K 23 -46.20 16.89 -4.79
CA LYS K 23 -46.18 16.87 -4.80
C LYS K 23 -47.47 16.20 -4.33
N GLU K 24 -47.38 15.29 -3.36
CA GLU K 24 -48.58 14.66 -2.79
C GLU K 24 -49.50 15.70 -2.13
N VAL K 25 -48.91 16.71 -1.46
CA VAL K 25 -49.72 17.81 -0.91
C VAL K 25 -50.42 18.58 -2.01
N ALA K 26 -49.70 18.92 -3.09
CA ALA K 26 -50.32 19.63 -4.21
C ALA K 26 -51.49 18.85 -4.80
N GLN K 27 -51.32 17.53 -4.96
CA GLN K 27 -52.41 16.68 -5.47
CA GLN K 27 -52.41 16.69 -5.47
C GLN K 27 -53.62 16.73 -4.54
N ALA K 28 -53.39 16.69 -3.23
CA ALA K 28 -54.48 16.74 -2.26
C ALA K 28 -55.23 18.06 -2.34
N VAL K 29 -54.50 19.19 -2.49
CA VAL K 29 -55.15 20.49 -2.64
C VAL K 29 -56.03 20.52 -3.89
N LYS K 30 -55.51 20.01 -5.02
CA LYS K 30 -56.29 19.99 -6.25
C LYS K 30 -57.51 19.10 -6.15
N GLY K 31 -57.41 18.00 -5.40
CA GLY K 31 -58.51 17.07 -5.27
C GLY K 31 -59.65 17.61 -4.43
N NH2 K 32 -59.47 18.71 -3.69
C ACE L 1 -14.82 9.86 7.66
O ACE L 1 -15.92 10.36 7.51
CH3 ACE L 1 -13.61 10.42 6.98
N GLY L 2 -14.63 8.79 8.44
CA GLY L 2 -15.69 8.11 9.17
C GLY L 2 -16.59 9.00 10.02
N GLU L 3 -15.99 9.88 10.82
CA GLU L 3 -16.76 10.77 11.68
C GLU L 3 -17.64 11.73 10.88
N VAL L 4 -17.08 12.32 9.81
CA VAL L 4 -17.87 13.19 8.94
C VAL L 4 -18.99 12.41 8.24
N ALA L 5 -18.68 11.21 7.71
CA ALA L 5 -19.70 10.42 7.05
C ALA L 5 -20.87 10.08 7.98
N GLN L 6 -20.57 9.76 9.24
CA GLN L 6 -21.62 9.45 10.20
CA GLN L 6 -21.62 9.46 10.21
C GLN L 6 -22.52 10.66 10.46
N ALA L 7 -21.92 11.86 10.56
CA ALA L 7 -22.73 13.06 10.75
C ALA L 7 -23.61 13.34 9.52
N VAL L 8 -23.09 13.10 8.32
CA VAL L 8 -23.89 13.30 7.09
C VAL L 8 -25.08 12.33 7.06
N LYS L 9 -24.87 11.08 7.48
CA LYS L 9 -25.98 10.13 7.60
C LYS L 9 -27.05 10.62 8.57
N GLU L 10 -26.66 11.34 9.63
CA GLU L 10 -27.66 11.91 10.54
C GLU L 10 -28.52 12.97 9.83
N VAL L 11 -27.91 13.77 8.95
CA VAL L 11 -28.70 14.70 8.13
C VAL L 11 -29.69 13.93 7.26
N ALA L 12 -29.24 12.86 6.60
CA ALA L 12 -30.14 12.09 5.74
C ALA L 12 -31.36 11.57 6.51
N LYS L 13 -31.14 11.07 7.73
CA LYS L 13 -32.23 10.60 8.58
C LYS L 13 -33.22 11.72 8.92
N ALA L 14 -32.70 12.92 9.25
CA ALA L 14 -33.57 14.04 9.57
C ALA L 14 -34.40 14.47 8.36
N VAL L 15 -33.80 14.42 7.16
CA VAL L 15 -34.54 14.76 5.94
C VAL L 15 -35.69 13.77 5.70
N LYS L 16 -35.46 12.48 5.97
CA LYS L 16 -36.55 11.50 5.88
C LYS L 16 -37.68 11.82 6.85
N GLU L 17 -37.35 12.34 8.04
CA GLU L 17 -38.39 12.74 8.99
C GLU L 17 -39.23 13.91 8.45
N VAL L 18 -38.60 14.86 7.76
CA VAL L 18 -39.35 15.91 7.07
C VAL L 18 -40.31 15.32 6.04
N ALA L 19 -39.83 14.36 5.23
CA ALA L 19 -40.71 13.75 4.23
C ALA L 19 -41.94 13.12 4.86
N TRP L 20 -41.76 12.39 5.98
CA TRP L 20 -42.91 11.80 6.66
CA TRP L 20 -42.91 11.80 6.66
CA TRP L 20 -42.90 11.79 6.68
C TRP L 20 -43.88 12.86 7.16
N ALA L 21 -43.36 13.95 7.72
CA ALA L 21 -44.23 15.02 8.20
C ALA L 21 -45.03 15.66 7.06
N VAL L 22 -44.41 15.82 5.88
CA VAL L 22 -45.12 16.39 4.73
C VAL L 22 -46.26 15.46 4.29
N LYS L 23 -46.02 14.14 4.34
CA LYS L 23 -47.11 13.18 4.06
C LYS L 23 -48.28 13.34 5.04
N GLU L 24 -47.98 13.66 6.30
CA GLU L 24 -49.05 13.91 7.28
C GLU L 24 -49.90 15.12 6.87
N VAL L 25 -49.26 16.16 6.33
CA VAL L 25 -50.00 17.31 5.81
C VAL L 25 -50.94 16.88 4.67
N ALA L 26 -50.42 16.08 3.72
CA ALA L 26 -51.27 15.62 2.62
C ALA L 26 -52.48 14.84 3.12
N GLN L 27 -52.28 13.96 4.11
CA GLN L 27 -53.39 13.19 4.68
C GLN L 27 -54.41 14.11 5.35
N ALA L 28 -53.93 15.15 6.07
CA ALA L 28 -54.83 16.08 6.72
C ALA L 28 -55.66 16.86 5.70
N VAL L 29 -55.04 17.27 4.60
CA VAL L 29 -55.79 17.95 3.54
C VAL L 29 -56.87 17.04 2.98
N LYS L 30 -56.52 15.78 2.69
CA LYS L 30 -57.48 14.83 2.14
CA LYS L 30 -57.50 14.85 2.12
C LYS L 30 -58.64 14.56 3.09
N GLY L 31 -58.36 14.51 4.39
CA GLY L 31 -59.37 14.22 5.39
C GLY L 31 -60.35 15.35 5.66
N NH2 L 32 -60.10 16.58 5.17
#